data_5ZFW
#
_entry.id   5ZFW
#
_cell.length_a   64.748
_cell.length_b   64.748
_cell.length_c   153.484
_cell.angle_alpha   90.00
_cell.angle_beta   90.00
_cell.angle_gamma   120.00
#
_symmetry.space_group_name_H-M   'P 32 2 1'
#
loop_
_entity.id
_entity.type
_entity.pdbx_description
1 polymer 'Double homeobox protein 4-like protein 4'
2 polymer "DNA (5'-D(*CP*CP*AP*CP*TP*AP*AP*CP*CP*TP*GP*AP*TP*CP*AP*CP*AP*CP*C)-3')"
3 polymer "DNA (5'-D(*GP*GP*TP*GP*TP*GP*AP*TP*CP*AP*GP*GP*TP*TP*AP*GP*TP*GP*G)-3')"
4 water water
#
loop_
_entity_poly.entity_id
_entity_poly.type
_entity_poly.pdbx_seq_one_letter_code
_entity_poly.pdbx_strand_id
1 'polypeptide(L)'
;MALPTPSDSTLPAEARGRGRRRRLVWTPSQSEALRACFERNPYPGIATRERLAQAIGIPEPRVQIWFQNERSRQLRQHRR
ESRPWPGRRGPPEGRRKRTAVTGSQTALLLRAFEKDRFPGIAAREELARETGLPESRIQIWFQNRRARH
;
A
2 'polydeoxyribonucleotide' (DC)(DC)(DA)(DC)(DT)(DA)(DA)(DC)(DC)(DT)(DG)(DA)(DT)(DC)(DA)(DC)(DA)(DC)(DC) D
3 'polydeoxyribonucleotide' (DG)(DG)(DT)(DG)(DT)(DG)(DA)(DT)(DC)(DA)(DG)(DG)(DT)(DT)(DA)(DG)(DT)(DG)(DG) E
#
# COMPACT_ATOMS: atom_id res chain seq x y z
N GLY A 19 11.19 11.84 5.80
CA GLY A 19 11.72 10.51 6.01
C GLY A 19 10.79 9.42 5.52
N ARG A 20 11.12 8.82 4.38
CA ARG A 20 10.29 7.79 3.77
C ARG A 20 10.98 6.43 3.88
N ARG A 21 10.18 5.39 3.61
CA ARG A 21 10.69 4.02 3.58
C ARG A 21 11.81 3.89 2.57
N ARG A 22 12.78 3.03 2.87
CA ARG A 22 13.90 2.85 1.94
C ARG A 22 13.44 2.13 0.69
N ARG A 23 13.77 2.71 -0.46
CA ARG A 23 13.29 2.21 -1.74
C ARG A 23 13.98 0.91 -2.10
N LEU A 24 13.20 -0.11 -2.44
CA LEU A 24 13.78 -1.40 -2.79
C LEU A 24 14.11 -1.43 -4.28
N VAL A 25 14.77 -2.52 -4.68
CA VAL A 25 15.22 -2.74 -6.04
C VAL A 25 14.78 -4.13 -6.47
N TRP A 26 13.98 -4.21 -7.53
CA TRP A 26 13.46 -5.49 -7.98
C TRP A 26 14.58 -6.35 -8.54
N THR A 27 14.59 -7.63 -8.14
CA THR A 27 15.39 -8.60 -8.84
C THR A 27 14.75 -8.93 -10.18
N PRO A 28 15.53 -9.43 -11.15
CA PRO A 28 14.93 -9.80 -12.44
C PRO A 28 13.79 -10.78 -12.31
N SER A 29 13.91 -11.76 -11.41
CA SER A 29 12.84 -12.73 -11.23
C SER A 29 11.59 -12.10 -10.62
N GLN A 30 11.76 -11.10 -9.76
CA GLN A 30 10.60 -10.40 -9.21
C GLN A 30 9.91 -9.57 -10.28
N SER A 31 10.69 -8.82 -11.07
CA SER A 31 10.12 -8.03 -12.16
C SER A 31 9.33 -8.90 -13.12
N GLU A 32 9.88 -10.05 -13.51
CA GLU A 32 9.16 -10.93 -14.43
C GLU A 32 7.83 -11.37 -13.85
N ALA A 33 7.82 -11.72 -12.56
CA ALA A 33 6.59 -12.21 -11.94
C ALA A 33 5.54 -11.11 -11.85
N LEU A 34 5.95 -9.87 -11.53
CA LEU A 34 4.97 -8.78 -11.43
C LEU A 34 4.37 -8.46 -12.79
N ARG A 35 5.21 -8.35 -13.83
CA ARG A 35 4.70 -8.04 -15.16
C ARG A 35 3.78 -9.13 -15.69
N ALA A 36 4.16 -10.41 -15.52
CA ALA A 36 3.34 -11.50 -16.01
C ALA A 36 1.97 -11.52 -15.34
N CYS A 37 1.92 -11.30 -14.02
CA CYS A 37 0.63 -11.18 -13.35
C CYS A 37 -0.12 -9.94 -13.79
N PHE A 38 0.57 -8.81 -13.95
CA PHE A 38 -0.08 -7.61 -14.45
C PHE A 38 -0.70 -7.86 -15.82
N GLU A 39 0.01 -8.61 -16.67
CA GLU A 39 -0.48 -8.88 -18.02
C GLU A 39 -1.80 -9.64 -18.00
N ARG A 40 -2.00 -10.51 -17.00
CA ARG A 40 -3.23 -11.29 -16.92
C ARG A 40 -4.37 -10.49 -16.30
N ASN A 41 -4.06 -9.60 -15.36
CA ASN A 41 -5.07 -8.73 -14.80
C ASN A 41 -4.40 -7.56 -14.09
N PRO A 42 -4.50 -6.35 -14.64
CA PRO A 42 -3.89 -5.18 -14.00
C PRO A 42 -4.64 -4.68 -12.77
N TYR A 43 -5.76 -5.30 -12.41
CA TYR A 43 -6.55 -4.91 -11.23
C TYR A 43 -6.72 -6.12 -10.31
N PRO A 44 -5.63 -6.60 -9.71
CA PRO A 44 -5.75 -7.77 -8.83
C PRO A 44 -6.39 -7.41 -7.50
N GLY A 45 -7.09 -8.40 -6.93
CA GLY A 45 -7.64 -8.27 -5.60
C GLY A 45 -6.60 -8.62 -4.55
N ILE A 46 -7.05 -8.60 -3.29
CA ILE A 46 -6.13 -8.82 -2.19
C ILE A 46 -5.55 -10.22 -2.23
N ALA A 47 -6.32 -11.21 -2.67
CA ALA A 47 -5.82 -12.58 -2.70
C ALA A 47 -4.69 -12.74 -3.71
N THR A 48 -4.88 -12.20 -4.93
CA THR A 48 -3.83 -12.25 -5.94
C THR A 48 -2.59 -11.50 -5.47
N ARG A 49 -2.77 -10.31 -4.88
CA ARG A 49 -1.62 -9.56 -4.39
C ARG A 49 -0.86 -10.32 -3.30
N GLU A 50 -1.59 -10.95 -2.39
CA GLU A 50 -0.94 -11.67 -1.29
C GLU A 50 -0.17 -12.88 -1.81
N ARG A 51 -0.80 -13.67 -2.69
CA ARG A 51 -0.13 -14.83 -3.26
C ARG A 51 1.11 -14.41 -4.03
N LEU A 52 0.99 -13.40 -4.89
CA LEU A 52 2.14 -12.89 -5.63
C LEU A 52 3.22 -12.38 -4.68
N ALA A 53 2.80 -11.68 -3.61
CA ALA A 53 3.78 -11.13 -2.66
C ALA A 53 4.61 -12.23 -2.03
N GLN A 54 3.98 -13.35 -1.65
CA GLN A 54 4.71 -14.43 -1.01
C GLN A 54 5.59 -15.16 -2.00
N ALA A 55 5.10 -15.38 -3.23
CA ALA A 55 5.86 -16.14 -4.21
C ALA A 55 7.19 -15.47 -4.53
N ILE A 56 7.27 -14.15 -4.43
CA ILE A 56 8.44 -13.40 -4.85
C ILE A 56 9.18 -12.76 -3.69
N GLY A 57 8.69 -12.92 -2.46
CA GLY A 57 9.39 -12.43 -1.29
C GLY A 57 9.34 -10.93 -1.09
N ILE A 58 8.21 -10.31 -1.42
CA ILE A 58 8.03 -8.86 -1.29
C ILE A 58 6.79 -8.64 -0.43
N PRO A 59 6.78 -7.65 0.47
CA PRO A 59 5.56 -7.37 1.23
C PRO A 59 4.44 -6.91 0.32
N GLU A 60 3.22 -7.33 0.66
CA GLU A 60 2.06 -7.01 -0.16
C GLU A 60 1.86 -5.52 -0.42
N PRO A 61 2.08 -4.60 0.53
CA PRO A 61 1.89 -3.17 0.18
C PRO A 61 2.80 -2.70 -0.94
N ARG A 62 4.04 -3.21 -0.99
CA ARG A 62 4.93 -2.83 -2.10
C ARG A 62 4.40 -3.34 -3.43
N VAL A 63 3.80 -4.53 -3.43
CA VAL A 63 3.17 -5.07 -4.63
C VAL A 63 2.00 -4.19 -5.06
N GLN A 64 1.15 -3.81 -4.10
CA GLN A 64 0.02 -2.95 -4.41
C GLN A 64 0.50 -1.61 -4.99
N ILE A 65 1.54 -1.02 -4.39
CA ILE A 65 2.10 0.23 -4.91
C ILE A 65 2.62 0.03 -6.33
N TRP A 66 3.24 -1.13 -6.61
CA TRP A 66 3.76 -1.36 -7.95
C TRP A 66 2.66 -1.45 -8.99
N PHE A 67 1.58 -2.17 -8.68
CA PHE A 67 0.48 -2.27 -9.63
C PHE A 67 -0.13 -0.91 -9.92
N GLN A 68 -0.21 -0.04 -8.91
CA GLN A 68 -0.72 1.30 -9.12
C GLN A 68 0.23 2.13 -9.98
N ASN A 69 1.54 2.09 -9.69
CA ASN A 69 2.51 2.79 -10.53
C ASN A 69 2.51 2.23 -11.95
N GLU A 70 2.38 0.91 -12.08
CA GLU A 70 2.48 0.30 -13.41
C GLU A 70 1.28 0.65 -14.28
N ARG A 71 0.08 0.72 -13.68
CA ARG A 71 -1.07 1.20 -14.43
C ARG A 71 -0.86 2.65 -14.87
N SER A 72 -0.24 3.46 -14.02
CA SER A 72 0.05 4.84 -14.38
C SER A 72 0.99 4.90 -15.57
N ARG A 73 2.02 4.04 -15.60
CA ARG A 73 2.92 4.00 -16.74
C ARG A 73 2.19 3.53 -18.00
N GLN A 74 1.42 2.46 -17.89
CA GLN A 74 0.73 1.92 -19.07
C GLN A 74 -0.29 2.90 -19.62
N LEU A 75 -1.07 3.53 -18.74
CA LEU A 75 -2.11 4.45 -19.20
C LEU A 75 -1.52 5.68 -19.88
N ARG A 76 -0.45 6.24 -19.30
CA ARG A 76 0.20 7.39 -19.93
C ARG A 76 0.87 7.01 -21.24
N GLN A 77 1.43 5.81 -21.33
CA GLN A 77 2.01 5.33 -22.58
C GLN A 77 0.92 5.11 -23.64
N HIS A 78 -0.19 4.50 -23.25
CA HIS A 78 -1.26 4.23 -24.20
C HIS A 78 -1.96 5.51 -24.66
N ARG A 79 -1.92 6.59 -23.86
CA ARG A 79 -2.49 7.87 -24.25
C ARG A 79 -1.61 8.62 -25.25
N ARG A 80 -0.46 8.06 -25.64
CA ARG A 80 0.37 8.60 -26.69
C ARG A 80 0.45 7.64 -27.87
N GLU A 81 -0.19 6.49 -27.80
CA GLU A 81 -0.17 5.50 -28.87
C GLU A 81 -1.55 5.19 -29.42
N SER A 82 -2.48 4.69 -28.59
CA SER A 82 -3.81 4.25 -29.03
C SER A 82 -4.51 5.23 -29.96
N PRO A 92 -13.61 -8.73 -11.76
CA PRO A 92 -13.63 -7.76 -10.64
C PRO A 92 -13.31 -8.44 -9.31
N GLU A 93 -12.02 -8.59 -9.01
CA GLU A 93 -11.59 -9.42 -7.89
C GLU A 93 -11.90 -8.74 -6.55
N GLY A 94 -11.85 -9.53 -5.48
CA GLY A 94 -12.31 -9.07 -4.18
C GLY A 94 -11.29 -8.18 -3.48
N ARG A 95 -11.81 -7.12 -2.84
CA ARG A 95 -11.01 -6.13 -2.15
C ARG A 95 -10.46 -6.67 -0.84
N ARG A 96 -9.48 -5.95 -0.30
CA ARG A 96 -9.03 -6.22 1.07
C ARG A 96 -10.18 -6.03 2.04
N LYS A 97 -10.29 -6.93 3.01
CA LYS A 97 -11.31 -6.82 4.05
C LYS A 97 -11.12 -5.51 4.81
N ARG A 98 -12.25 -4.88 5.18
CA ARG A 98 -12.21 -3.61 5.90
C ARG A 98 -11.54 -3.80 7.25
N THR A 99 -10.47 -3.03 7.49
CA THR A 99 -9.75 -3.13 8.75
C THR A 99 -10.59 -2.52 9.87
N ALA A 100 -10.80 -3.31 10.93
CA ALA A 100 -11.54 -2.82 12.09
C ALA A 100 -10.61 -1.98 12.97
N VAL A 101 -11.07 -0.78 13.32
CA VAL A 101 -10.31 0.12 14.16
C VAL A 101 -11.13 0.41 15.41
N THR A 102 -10.60 0.04 16.57
CA THR A 102 -11.30 0.28 17.82
C THR A 102 -11.26 1.76 18.18
N GLY A 103 -12.16 2.15 19.09
CA GLY A 103 -12.12 3.50 19.61
C GLY A 103 -10.81 3.82 20.29
N SER A 104 -10.18 2.82 20.91
CA SER A 104 -8.89 3.03 21.55
C SER A 104 -7.82 3.36 20.51
N GLN A 105 -7.78 2.59 19.43
CA GLN A 105 -6.81 2.85 18.37
C GLN A 105 -7.08 4.19 17.69
N THR A 106 -8.36 4.50 17.45
CA THR A 106 -8.70 5.75 16.77
C THR A 106 -8.26 6.96 17.59
N ALA A 107 -8.51 6.93 18.90
CA ALA A 107 -8.12 8.05 19.76
C ALA A 107 -6.62 8.26 19.76
N LEU A 108 -5.85 7.19 19.65
CA LEU A 108 -4.39 7.32 19.64
C LEU A 108 -3.92 7.93 18.33
N LEU A 109 -4.44 7.45 17.20
CA LEU A 109 -4.09 8.05 15.91
C LEU A 109 -4.59 9.48 15.81
N LEU A 110 -5.73 9.78 16.45
CA LEU A 110 -6.25 11.15 16.45
C LEU A 110 -5.27 12.09 17.14
N ARG A 111 -4.84 11.73 18.35
CA ARG A 111 -3.86 12.55 19.07
C ARG A 111 -2.60 12.74 18.24
N ALA A 112 -2.14 11.69 17.57
CA ALA A 112 -0.97 11.82 16.71
C ALA A 112 -1.26 12.73 15.52
N PHE A 113 -2.47 12.64 14.96
CA PHE A 113 -2.82 13.43 13.79
C PHE A 113 -2.80 14.92 14.08
N GLU A 114 -3.04 15.33 15.33
CA GLU A 114 -3.07 16.75 15.67
C GLU A 114 -1.67 17.35 15.78
N LYS A 115 -0.72 16.56 16.27
CA LYS A 115 0.66 17.06 16.35
C LYS A 115 1.28 17.13 14.96
N ASP A 116 1.07 16.09 14.14
CA ASP A 116 1.64 16.04 12.79
C ASP A 116 0.70 15.24 11.91
N ARG A 117 0.22 15.86 10.83
CA ARG A 117 -0.62 15.15 9.88
C ARG A 117 0.18 14.42 8.81
N PHE A 118 1.50 14.60 8.77
CA PHE A 118 2.36 13.97 7.77
C PHE A 118 3.47 13.19 8.44
N PRO A 119 3.15 12.13 9.18
CA PRO A 119 4.20 11.35 9.85
C PRO A 119 5.07 10.63 8.84
N GLY A 120 6.38 10.61 9.13
CA GLY A 120 7.31 9.85 8.33
C GLY A 120 7.20 8.37 8.62
N ILE A 121 8.08 7.59 7.96
CA ILE A 121 8.02 6.14 8.10
C ILE A 121 8.24 5.74 9.57
N ALA A 122 9.16 6.43 10.25
CA ALA A 122 9.46 6.07 11.64
C ALA A 122 8.25 6.34 12.55
N ALA A 123 7.61 7.50 12.38
CA ALA A 123 6.43 7.78 13.19
C ALA A 123 5.27 6.83 12.89
N ARG A 124 5.17 6.34 11.65
CA ARG A 124 4.08 5.40 11.34
C ARG A 124 4.37 4.02 11.91
N GLU A 125 5.62 3.55 11.84
CA GLU A 125 5.99 2.29 12.48
C GLU A 125 5.75 2.38 13.98
N GLU A 126 6.07 3.51 14.59
CA GLU A 126 5.70 3.74 15.98
C GLU A 126 4.20 3.56 16.18
N LEU A 127 3.39 4.27 15.38
CA LEU A 127 1.94 4.16 15.52
C LEU A 127 1.47 2.74 15.23
N ALA A 128 2.11 2.06 14.27
CA ALA A 128 1.76 0.67 14.01
C ALA A 128 2.07 -0.20 15.23
N ARG A 129 3.20 0.05 15.89
CA ARG A 129 3.56 -0.72 17.08
C ARG A 129 2.57 -0.48 18.20
N GLU A 130 2.26 0.79 18.48
CA GLU A 130 1.40 1.10 19.62
C GLU A 130 -0.04 0.65 19.39
N THR A 131 -0.49 0.59 18.14
CA THR A 131 -1.87 0.24 17.84
C THR A 131 -2.05 -1.24 17.51
N GLY A 132 -1.01 -1.93 17.07
CA GLY A 132 -1.15 -3.28 16.58
C GLY A 132 -1.70 -3.39 15.18
N LEU A 133 -1.92 -2.28 14.49
CA LEU A 133 -2.36 -2.26 13.11
C LEU A 133 -1.15 -2.25 12.18
N PRO A 134 -1.27 -2.84 10.99
CA PRO A 134 -0.15 -2.80 10.05
C PRO A 134 0.13 -1.38 9.59
N GLU A 135 1.41 -1.08 9.37
CA GLU A 135 1.81 0.28 9.01
C GLU A 135 1.13 0.74 7.72
N SER A 136 0.89 -0.18 6.79
CA SER A 136 0.23 0.21 5.55
C SER A 136 -1.18 0.73 5.81
N ARG A 137 -1.83 0.25 6.86
CA ARG A 137 -3.14 0.79 7.21
C ARG A 137 -3.04 2.14 7.89
N ILE A 138 -1.98 2.36 8.67
CA ILE A 138 -1.76 3.69 9.26
C ILE A 138 -1.57 4.73 8.17
N GLN A 139 -0.80 4.38 7.12
CA GLN A 139 -0.62 5.28 5.99
C GLN A 139 -1.95 5.62 5.33
N ILE A 140 -2.81 4.62 5.12
CA ILE A 140 -4.12 4.90 4.53
C ILE A 140 -4.96 5.76 5.47
N TRP A 141 -4.93 5.45 6.77
CA TRP A 141 -5.72 6.23 7.74
C TRP A 141 -5.38 7.70 7.68
N PHE A 142 -4.09 8.03 7.58
CA PHE A 142 -3.69 9.44 7.51
C PHE A 142 -4.05 10.06 6.17
N GLN A 143 -3.93 9.29 5.08
CA GLN A 143 -4.38 9.76 3.77
C GLN A 143 -5.86 10.11 3.80
N ASN A 144 -6.67 9.22 4.39
CA ASN A 144 -8.11 9.46 4.48
C ASN A 144 -8.41 10.65 5.40
N ARG A 145 -7.79 10.67 6.58
CA ARG A 145 -8.08 11.72 7.56
C ARG A 145 -7.76 13.10 6.99
N ARG A 146 -6.61 13.25 6.33
CA ARG A 146 -6.22 14.54 5.79
C ARG A 146 -7.17 15.03 4.71
N ALA A 147 -7.80 14.11 3.98
CA ALA A 147 -8.75 14.50 2.94
C ALA A 147 -10.09 14.92 3.50
N ARG A 148 -10.41 14.53 4.73
CA ARG A 148 -11.72 14.77 5.32
C ARG A 148 -11.70 15.60 6.58
N HIS A 149 -10.53 15.90 7.14
CA HIS A 149 -10.44 16.69 8.35
C HIS A 149 -9.21 17.59 8.30
#